data_1MW7
#
_entry.id   1MW7
#
_cell.length_a   79.431
_cell.length_b   79.431
_cell.length_c   84.810
_cell.angle_alpha   90.00
_cell.angle_beta   90.00
_cell.angle_gamma   90.00
#
_symmetry.space_group_name_H-M   'P 41 21 2'
#
loop_
_entity.id
_entity.type
_entity.pdbx_description
1 polymer 'HYPOTHETICAL PROTEIN HP0162'
2 water water
#
_entity_poly.entity_id   1
_entity_poly.type   'polypeptide(L)'
_entity_poly.pdbx_seq_one_letter_code
;MGRAFEYRRAAKEKRWDKMSKVFPKLAKAITLAAKDGGSEPDTNAKLRTAILNAKAQNMPKDNIDAAIKRASSKEGNLSE
ITYEGKANFGVLIIMECMTDNPTRTIANLKSYFNKTQGASIVPNGSLEFMFNRKSVFECLKNEVENLKLSLEDLEFALID
YGLEELEEVEDKIIIRGDYNSFKLLNEGFESLKLPILKASLQRIATTPIELNDEQMELTEKLLDRIEDDDDVVALYTNIE
;
_entity_poly.pdbx_strand_id   A
#
# COMPACT_ATOMS: atom_id res chain seq x y z
N LYS A 21 12.78 -1.40 7.96
CA LYS A 21 11.47 -1.81 8.50
C LYS A 21 10.42 -0.95 7.78
N VAL A 22 10.05 0.22 8.32
CA VAL A 22 9.08 1.05 7.60
C VAL A 22 9.60 2.28 6.86
N PHE A 23 10.65 2.92 7.37
CA PHE A 23 11.19 4.12 6.72
C PHE A 23 11.81 3.91 5.34
N PRO A 24 12.68 2.89 5.19
CA PRO A 24 13.32 2.63 3.91
C PRO A 24 12.32 2.52 2.76
N LYS A 25 11.24 1.77 2.98
CA LYS A 25 10.22 1.59 1.95
C LYS A 25 9.40 2.86 1.70
N LEU A 26 9.10 3.62 2.76
CA LEU A 26 8.37 4.87 2.60
C LEU A 26 9.29 5.81 1.85
N ALA A 27 10.59 5.57 1.95
CA ALA A 27 11.58 6.40 1.27
C ALA A 27 11.68 6.02 -0.19
N LYS A 28 11.37 4.76 -0.50
CA LYS A 28 11.42 4.25 -1.87
C LYS A 28 10.26 4.79 -2.69
N ALA A 29 9.14 5.05 -2.04
CA ALA A 29 7.95 5.56 -2.72
C ALA A 29 8.15 7.04 -3.08
N ILE A 30 8.95 7.73 -2.27
CA ILE A 30 9.24 9.14 -2.50
C ILE A 30 10.21 9.29 -3.67
N THR A 31 11.15 8.36 -3.75
CA THR A 31 12.14 8.37 -4.82
C THR A 31 11.53 7.97 -6.16
N LEU A 32 10.78 6.87 -6.16
CA LEU A 32 10.10 6.38 -7.37
C LEU A 32 9.17 7.45 -7.94
N ALA A 33 8.32 8.01 -7.07
CA ALA A 33 7.37 9.04 -7.46
C ALA A 33 8.06 10.25 -8.07
N ALA A 34 9.25 10.57 -7.57
CA ALA A 34 10.01 11.71 -8.06
C ALA A 34 10.63 11.44 -9.42
N LYS A 35 11.12 10.22 -9.62
CA LYS A 35 11.75 9.83 -10.88
C LYS A 35 10.82 9.97 -12.08
N ASP A 36 9.60 9.45 -11.96
CA ASP A 36 8.63 9.53 -13.05
C ASP A 36 7.44 10.42 -12.69
N GLY A 37 7.74 11.66 -12.37
CA GLY A 37 6.71 12.62 -11.99
C GLY A 37 7.31 13.99 -11.71
N GLY A 38 8.62 14.01 -11.51
CA GLY A 38 9.30 15.26 -11.23
C GLY A 38 9.48 15.46 -9.74
N SER A 39 10.45 16.29 -9.37
CA SER A 39 10.73 16.56 -7.96
C SER A 39 9.97 17.78 -7.46
N GLU A 40 8.87 18.12 -8.14
CA GLU A 40 8.04 19.26 -7.77
C GLU A 40 6.69 18.73 -7.29
N PRO A 41 6.46 18.67 -5.97
CA PRO A 41 5.20 18.18 -5.42
C PRO A 41 3.96 18.88 -5.96
N ASP A 42 4.02 20.20 -6.08
CA ASP A 42 2.89 20.97 -6.56
C ASP A 42 2.42 20.53 -7.95
N THR A 43 3.27 19.81 -8.67
CA THR A 43 2.94 19.34 -10.01
C THR A 43 3.01 17.83 -10.14
N ASN A 44 3.32 17.14 -9.04
CA ASN A 44 3.43 15.70 -9.02
C ASN A 44 2.53 15.13 -7.91
N ALA A 45 1.32 14.71 -8.28
CA ALA A 45 0.36 14.15 -7.33
C ALA A 45 0.90 12.97 -6.52
N LYS A 46 1.48 11.99 -7.19
CA LYS A 46 2.02 10.82 -6.50
C LYS A 46 3.10 11.20 -5.49
N LEU A 47 3.93 12.18 -5.84
CA LEU A 47 4.99 12.61 -4.94
C LEU A 47 4.37 13.22 -3.68
N ARG A 48 3.29 13.98 -3.86
CA ARG A 48 2.60 14.58 -2.73
C ARG A 48 2.06 13.49 -1.82
N THR A 49 1.43 12.48 -2.42
CA THR A 49 0.86 11.38 -1.67
C THR A 49 1.95 10.64 -0.91
N ALA A 50 3.11 10.45 -1.54
CA ALA A 50 4.23 9.77 -0.92
C ALA A 50 4.78 10.59 0.24
N ILE A 51 4.86 11.90 0.04
CA ILE A 51 5.37 12.80 1.05
C ILE A 51 4.41 12.82 2.25
N LEU A 52 3.12 12.92 1.94
CA LEU A 52 2.09 12.95 2.97
C LEU A 52 2.18 11.72 3.85
N ASN A 53 2.35 10.56 3.21
CA ASN A 53 2.44 9.30 3.94
C ASN A 53 3.66 9.26 4.86
N ALA A 54 4.82 9.60 4.32
CA ALA A 54 6.05 9.60 5.10
C ALA A 54 5.93 10.53 6.30
N LYS A 55 5.31 11.68 6.08
CA LYS A 55 5.14 12.66 7.16
C LYS A 55 4.27 12.11 8.28
N ALA A 56 3.09 11.60 7.92
CA ALA A 56 2.17 11.03 8.88
C ALA A 56 2.82 9.88 9.66
N GLN A 57 3.86 9.27 9.07
CA GLN A 57 4.62 8.17 9.70
C GLN A 57 5.78 8.83 10.41
N ASN A 58 7.02 9.09 10.93
CA ASN A 58 7.20 10.47 11.43
C ASN A 58 8.59 10.73 10.88
N MET A 59 8.71 10.43 9.58
CA MET A 59 9.98 10.56 8.86
C MET A 59 10.47 11.99 8.86
N PRO A 60 11.68 12.19 9.40
CA PRO A 60 12.31 13.51 9.41
C PRO A 60 12.36 14.11 8.04
N LYS A 61 12.34 15.45 8.00
CA LYS A 61 12.32 16.22 6.76
C LYS A 61 13.53 15.95 5.88
N ASP A 62 14.73 15.97 6.47
CA ASP A 62 15.94 15.71 5.72
C ASP A 62 15.92 14.36 4.99
N ASN A 63 15.29 13.35 5.58
CA ASN A 63 15.18 12.02 4.97
C ASN A 63 14.39 12.15 3.67
N ILE A 64 13.20 12.71 3.78
CA ILE A 64 12.33 12.90 2.64
C ILE A 64 13.13 13.63 1.54
N ASP A 65 13.70 14.77 1.91
CA ASP A 65 14.48 15.56 0.99
C ASP A 65 15.54 14.66 0.33
N ALA A 66 16.09 13.74 1.11
CA ALA A 66 17.11 12.81 0.63
C ALA A 66 16.54 11.81 -0.36
N ALA A 67 15.25 11.50 -0.21
CA ALA A 67 14.60 10.57 -1.11
C ALA A 67 14.25 11.23 -2.44
N ILE A 68 13.90 12.50 -2.39
CA ILE A 68 13.55 13.25 -3.59
C ILE A 68 14.80 13.52 -4.42
N LYS A 69 15.91 13.76 -3.74
CA LYS A 69 17.18 14.04 -4.40
C LYS A 69 17.79 12.78 -5.01
N ARG A 70 17.43 11.62 -4.47
CA ARG A 70 17.97 10.36 -4.94
C ARG A 70 17.50 10.00 -6.35
N ALA A 71 16.33 10.49 -6.72
CA ALA A 71 15.78 10.20 -8.03
C ALA A 71 16.71 10.70 -9.14
N SER A 72 17.41 11.78 -8.86
CA SER A 72 18.34 12.36 -9.83
C SER A 72 19.75 11.86 -9.62
N SER A 73 19.88 10.57 -9.30
CA SER A 73 21.20 9.98 -9.09
C SER A 73 21.22 8.54 -9.59
N LYS A 74 22.39 7.91 -9.55
CA LYS A 74 22.53 6.53 -10.00
C LYS A 74 21.80 5.58 -9.06
N GLU A 75 21.24 6.13 -7.99
CA GLU A 75 20.50 5.32 -7.03
C GLU A 75 19.00 5.58 -7.17
N GLY A 76 18.61 6.31 -8.22
CA GLY A 76 17.21 6.62 -8.43
C GLY A 76 16.53 5.82 -9.53
N ASN A 77 17.15 4.73 -9.95
CA ASN A 77 16.58 3.92 -11.02
C ASN A 77 15.72 2.79 -10.46
N LEU A 78 14.68 3.17 -9.72
CA LEU A 78 13.76 2.22 -9.10
C LEU A 78 12.60 1.90 -10.03
N SER A 79 11.93 0.78 -9.75
CA SER A 79 10.81 0.35 -10.54
C SER A 79 9.80 -0.38 -9.67
N GLU A 80 8.54 -0.34 -10.08
CA GLU A 80 7.46 -1.00 -9.36
C GLU A 80 7.12 -2.29 -10.10
N ILE A 81 7.25 -3.41 -9.41
CA ILE A 81 6.94 -4.70 -10.01
C ILE A 81 6.10 -5.52 -9.06
N THR A 82 5.09 -6.18 -9.61
CA THR A 82 4.20 -7.02 -8.81
C THR A 82 4.40 -8.49 -9.14
N TYR A 83 4.44 -9.33 -8.11
CA TYR A 83 4.63 -10.75 -8.31
C TYR A 83 3.43 -11.44 -7.68
N GLU A 84 3.14 -12.64 -8.14
CA GLU A 84 2.01 -13.40 -7.61
C GLU A 84 2.46 -14.76 -7.13
N GLY A 85 1.81 -15.25 -6.08
CA GLY A 85 2.16 -16.55 -5.56
C GLY A 85 1.02 -17.24 -4.86
N LYS A 86 1.18 -18.55 -4.65
CA LYS A 86 0.18 -19.35 -3.96
C LYS A 86 0.89 -20.17 -2.89
N ALA A 87 0.12 -20.60 -1.89
CA ALA A 87 0.67 -21.41 -0.81
C ALA A 87 -0.40 -22.33 -0.26
N ASN A 88 0.00 -23.37 0.46
CA ASN A 88 -0.95 -24.30 1.02
C ASN A 88 -2.16 -23.61 1.65
N PHE A 89 -3.21 -24.38 1.90
CA PHE A 89 -4.43 -23.88 2.51
C PHE A 89 -5.20 -22.90 1.64
N GLY A 90 -5.02 -23.00 0.32
CA GLY A 90 -5.73 -22.11 -0.59
C GLY A 90 -5.34 -20.66 -0.46
N VAL A 91 -4.10 -20.41 -0.03
CA VAL A 91 -3.62 -19.04 0.13
C VAL A 91 -3.13 -18.44 -1.19
N LEU A 92 -3.49 -17.19 -1.43
CA LEU A 92 -3.07 -16.47 -2.64
C LEU A 92 -2.30 -15.24 -2.18
N ILE A 93 -1.16 -14.97 -2.81
CA ILE A 93 -0.33 -13.84 -2.41
C ILE A 93 0.02 -12.84 -3.52
N ILE A 94 -0.19 -11.56 -3.24
CA ILE A 94 0.13 -10.49 -4.18
C ILE A 94 1.23 -9.65 -3.56
N MET A 95 2.40 -9.68 -4.19
CA MET A 95 3.53 -8.95 -3.67
C MET A 95 3.90 -7.75 -4.54
N GLU A 96 3.90 -6.57 -3.91
CA GLU A 96 4.24 -5.35 -4.60
C GLU A 96 5.63 -4.94 -4.16
N CYS A 97 6.47 -4.69 -5.15
CA CYS A 97 7.83 -4.32 -4.85
C CYS A 97 8.35 -3.14 -5.65
N MET A 98 9.31 -2.45 -5.04
CA MET A 98 9.98 -1.33 -5.65
C MET A 98 11.44 -1.72 -5.47
N THR A 99 12.13 -1.88 -6.59
CA THR A 99 13.53 -2.32 -6.55
C THR A 99 14.44 -1.71 -7.59
N ASP A 100 15.74 -1.68 -7.29
CA ASP A 100 16.73 -1.14 -8.20
C ASP A 100 17.45 -2.29 -8.88
N ASN A 101 16.78 -3.44 -8.93
CA ASN A 101 17.33 -4.64 -9.54
C ASN A 101 16.31 -5.79 -9.52
N PRO A 102 15.36 -5.79 -10.49
CA PRO A 102 14.32 -6.82 -10.59
C PRO A 102 14.85 -8.26 -10.56
N THR A 103 16.06 -8.45 -11.07
CA THR A 103 16.68 -9.77 -11.11
C THR A 103 16.94 -10.28 -9.70
N ARG A 104 17.51 -9.42 -8.87
CA ARG A 104 17.80 -9.78 -7.48
C ARG A 104 16.51 -10.07 -6.75
N THR A 105 15.53 -9.20 -6.94
CA THR A 105 14.22 -9.32 -6.30
C THR A 105 13.54 -10.66 -6.59
N ILE A 106 13.33 -10.97 -7.87
CA ILE A 106 12.69 -12.23 -8.24
C ILE A 106 13.45 -13.43 -7.71
N ALA A 107 14.77 -13.31 -7.63
CA ALA A 107 15.61 -14.40 -7.13
C ALA A 107 15.39 -14.62 -5.63
N ASN A 108 15.37 -13.53 -4.87
CA ASN A 108 15.16 -13.64 -3.42
C ASN A 108 13.77 -14.18 -3.09
N LEU A 109 12.76 -13.65 -3.77
CA LEU A 109 11.40 -14.11 -3.55
C LEU A 109 11.33 -15.62 -3.74
N LYS A 110 11.91 -16.09 -4.84
CA LYS A 110 11.92 -17.52 -5.15
C LYS A 110 12.62 -18.33 -4.06
N SER A 111 13.62 -17.73 -3.43
CA SER A 111 14.35 -18.43 -2.37
C SER A 111 13.48 -18.55 -1.13
N TYR A 112 12.54 -17.64 -0.97
CA TYR A 112 11.63 -17.66 0.17
C TYR A 112 10.59 -18.75 -0.02
N PHE A 113 10.03 -18.83 -1.23
CA PHE A 113 9.04 -19.85 -1.54
C PHE A 113 9.68 -21.23 -1.62
N ASN A 114 10.87 -21.30 -2.20
CA ASN A 114 11.57 -22.58 -2.32
C ASN A 114 12.21 -22.96 -0.99
N LYS A 115 11.51 -22.64 0.09
CA LYS A 115 11.98 -22.95 1.44
C LYS A 115 10.76 -23.43 2.23
N THR A 116 9.59 -23.19 1.65
CA THR A 116 8.32 -23.57 2.26
C THR A 116 7.59 -24.54 1.34
N GLN A 117 7.36 -25.75 1.85
CA GLN A 117 6.69 -26.80 1.11
C GLN A 117 5.28 -26.42 0.65
N GLY A 118 5.01 -26.63 -0.63
CA GLY A 118 3.70 -26.33 -1.19
C GLY A 118 3.49 -24.91 -1.67
N ALA A 119 4.51 -24.06 -1.55
CA ALA A 119 4.40 -22.68 -1.97
C ALA A 119 5.23 -22.40 -3.22
N SER A 120 4.75 -21.50 -4.06
CA SER A 120 5.45 -21.18 -5.29
C SER A 120 4.94 -19.90 -5.94
N ILE A 121 5.84 -19.20 -6.64
CA ILE A 121 5.48 -17.98 -7.35
C ILE A 121 4.82 -18.43 -8.65
N VAL A 122 3.76 -17.74 -9.04
CA VAL A 122 3.05 -18.07 -10.27
C VAL A 122 3.07 -16.89 -11.24
N PRO A 123 2.86 -17.17 -12.54
CA PRO A 123 2.85 -16.10 -13.53
C PRO A 123 1.80 -15.03 -13.25
N ASN A 124 2.16 -13.77 -13.50
CA ASN A 124 1.24 -12.67 -13.27
C ASN A 124 -0.04 -12.90 -14.08
N GLY A 125 -1.18 -12.62 -13.46
CA GLY A 125 -2.45 -12.83 -14.12
C GLY A 125 -3.15 -14.05 -13.57
N SER A 126 -2.37 -14.93 -12.94
CA SER A 126 -2.91 -16.16 -12.36
C SER A 126 -3.96 -15.88 -11.30
N LEU A 127 -3.81 -14.76 -10.61
CA LEU A 127 -4.75 -14.37 -9.57
C LEU A 127 -5.78 -13.36 -10.06
N GLU A 128 -5.84 -13.16 -11.36
CA GLU A 128 -6.79 -12.21 -11.94
C GLU A 128 -8.21 -12.53 -11.50
N PHE A 129 -8.98 -11.47 -11.20
CA PHE A 129 -10.38 -11.61 -10.77
C PHE A 129 -10.54 -12.17 -9.36
N MET A 130 -9.42 -12.43 -8.68
CA MET A 130 -9.47 -12.97 -7.33
C MET A 130 -9.31 -11.86 -6.29
N PHE A 131 -8.84 -10.70 -6.74
CA PHE A 131 -8.62 -9.56 -5.87
C PHE A 131 -9.23 -8.30 -6.48
N ASN A 132 -9.48 -7.29 -5.64
CA ASN A 132 -10.03 -6.03 -6.08
C ASN A 132 -9.03 -4.93 -5.72
N ARG A 133 -8.83 -3.98 -6.61
CA ARG A 133 -7.89 -2.89 -6.34
C ARG A 133 -8.73 -1.77 -5.74
N LYS A 134 -8.44 -1.36 -4.51
CA LYS A 134 -9.19 -0.30 -3.86
C LYS A 134 -8.37 0.86 -3.33
N SER A 135 -8.98 2.03 -3.29
CA SER A 135 -8.33 3.23 -2.77
C SER A 135 -8.67 3.19 -1.29
N VAL A 136 -7.67 3.29 -0.42
CA VAL A 136 -7.93 3.24 1.01
C VAL A 136 -7.34 4.46 1.70
N PHE A 137 -8.22 5.27 2.29
CA PHE A 137 -7.76 6.45 3.00
C PHE A 137 -8.00 6.30 4.50
N GLU A 138 -6.95 6.53 5.28
CA GLU A 138 -7.05 6.45 6.73
C GLU A 138 -7.08 7.87 7.28
N CYS A 139 -8.01 8.11 8.19
CA CYS A 139 -8.17 9.43 8.80
C CYS A 139 -8.27 9.28 10.31
N LEU A 140 -7.83 10.32 11.03
CA LEU A 140 -7.88 10.30 12.49
C LEU A 140 -9.27 10.70 12.98
N LYS A 141 -9.85 9.87 13.84
CA LYS A 141 -11.17 10.14 14.40
C LYS A 141 -11.23 11.52 15.03
N ASN A 142 -10.11 11.95 15.61
CA ASN A 142 -10.02 13.24 16.26
C ASN A 142 -9.96 14.40 15.27
N GLU A 143 -9.51 14.12 14.06
CA GLU A 143 -9.43 15.15 13.03
C GLU A 143 -10.82 15.47 12.50
N VAL A 144 -11.62 14.43 12.33
CA VAL A 144 -12.99 14.59 11.83
C VAL A 144 -13.78 15.47 12.78
N GLU A 145 -13.69 15.16 14.07
CA GLU A 145 -14.39 15.92 15.10
C GLU A 145 -13.85 17.35 15.19
N ASN A 146 -12.58 17.52 14.84
CA ASN A 146 -11.94 18.83 14.89
C ASN A 146 -12.74 19.85 14.08
N LEU A 147 -13.07 19.50 12.83
CA LEU A 147 -13.86 20.40 12.00
C LEU A 147 -15.34 20.07 12.18
N LYS A 148 -15.65 19.53 13.35
CA LYS A 148 -17.00 19.15 13.76
C LYS A 148 -17.98 18.67 12.71
N LEU A 149 -17.75 17.45 12.21
CA LEU A 149 -18.65 16.87 11.22
C LEU A 149 -18.80 15.40 11.62
N SER A 150 -20.04 14.90 11.60
CA SER A 150 -20.32 13.53 11.97
C SER A 150 -19.84 12.53 10.92
N LEU A 151 -19.81 11.26 11.30
CA LEU A 151 -19.39 10.21 10.38
C LEU A 151 -20.46 10.05 9.32
N GLU A 152 -21.67 10.51 9.64
CA GLU A 152 -22.78 10.45 8.70
C GLU A 152 -22.57 11.50 7.63
N ASP A 153 -22.09 12.68 8.04
CA ASP A 153 -21.84 13.76 7.10
C ASP A 153 -20.62 13.43 6.24
N LEU A 154 -19.64 12.78 6.85
CA LEU A 154 -18.43 12.40 6.14
C LEU A 154 -18.73 11.40 5.03
N GLU A 155 -19.61 10.46 5.32
CA GLU A 155 -19.98 9.45 4.34
C GLU A 155 -20.86 10.03 3.25
N PHE A 156 -21.85 10.82 3.64
CA PHE A 156 -22.76 11.45 2.68
C PHE A 156 -21.97 12.34 1.72
N ALA A 157 -21.02 13.09 2.26
CA ALA A 157 -20.19 13.99 1.48
C ALA A 157 -19.28 13.25 0.51
N LEU A 158 -18.53 12.27 1.02
CA LEU A 158 -17.61 11.52 0.18
C LEU A 158 -18.22 10.50 -0.79
N ILE A 159 -19.53 10.31 -0.72
CA ILE A 159 -20.18 9.36 -1.63
C ILE A 159 -20.08 9.87 -3.05
N ASP A 160 -19.99 11.19 -3.19
CA ASP A 160 -19.87 11.81 -4.51
C ASP A 160 -18.42 11.87 -4.98
N TYR A 161 -17.48 11.49 -4.13
CA TYR A 161 -16.07 11.50 -4.47
C TYR A 161 -15.46 10.10 -4.53
N GLY A 162 -16.30 9.09 -4.67
CA GLY A 162 -15.80 7.73 -4.78
C GLY A 162 -15.88 6.79 -3.59
N LEU A 163 -16.34 7.26 -2.43
CA LEU A 163 -16.44 6.38 -1.26
C LEU A 163 -17.37 5.20 -1.50
N GLU A 164 -16.91 4.00 -1.16
CA GLU A 164 -17.69 2.78 -1.30
C GLU A 164 -18.04 2.27 0.10
N GLU A 165 -17.19 2.61 1.07
CA GLU A 165 -17.41 2.18 2.44
C GLU A 165 -16.61 2.96 3.46
N LEU A 166 -17.16 3.07 4.66
CA LEU A 166 -16.53 3.77 5.76
C LEU A 166 -16.51 2.82 6.95
N GLU A 167 -15.31 2.54 7.45
CA GLU A 167 -15.14 1.64 8.58
C GLU A 167 -14.47 2.37 9.73
N GLU A 168 -14.73 1.92 10.95
CA GLU A 168 -14.15 2.55 12.13
C GLU A 168 -13.16 1.63 12.85
N VAL A 169 -11.99 2.18 13.17
CA VAL A 169 -10.96 1.43 13.88
C VAL A 169 -10.33 2.34 14.94
N GLU A 170 -10.82 2.21 16.17
CA GLU A 170 -10.35 2.99 17.31
C GLU A 170 -9.36 4.12 17.02
N ASP A 171 -9.85 5.35 17.20
CA ASP A 171 -9.08 6.57 16.99
C ASP A 171 -8.93 6.98 15.54
N LYS A 172 -9.40 6.16 14.62
CA LYS A 172 -9.28 6.50 13.20
C LYS A 172 -10.40 5.95 12.32
N ILE A 173 -10.63 6.64 11.21
CA ILE A 173 -11.66 6.26 10.25
C ILE A 173 -10.99 5.81 8.96
N ILE A 174 -11.45 4.68 8.43
CA ILE A 174 -10.89 4.14 7.18
C ILE A 174 -11.95 4.20 6.10
N ILE A 175 -11.64 4.94 5.04
CA ILE A 175 -12.55 5.10 3.91
C ILE A 175 -11.98 4.43 2.66
N ARG A 176 -12.77 3.56 2.04
CA ARG A 176 -12.34 2.85 0.85
C ARG A 176 -13.20 3.20 -0.35
N GLY A 177 -12.60 3.08 -1.52
CA GLY A 177 -13.30 3.36 -2.77
C GLY A 177 -12.57 2.58 -3.85
N ASP A 178 -13.15 2.51 -5.04
CA ASP A 178 -12.52 1.79 -6.13
C ASP A 178 -11.14 2.39 -6.40
N TYR A 179 -10.29 1.61 -7.05
CA TYR A 179 -8.93 2.05 -7.35
C TYR A 179 -8.92 3.33 -8.13
N ASN A 180 -9.67 3.35 -9.24
CA ASN A 180 -9.74 4.52 -10.11
C ASN A 180 -10.26 5.79 -9.44
N SER A 181 -10.88 5.64 -8.26
CA SER A 181 -11.43 6.80 -7.54
C SER A 181 -10.44 7.46 -6.58
N PHE A 182 -9.17 7.03 -6.63
CA PHE A 182 -8.14 7.59 -5.77
C PHE A 182 -8.05 9.12 -5.82
N LYS A 183 -7.79 9.67 -7.00
CA LYS A 183 -7.64 11.11 -7.20
C LYS A 183 -8.84 11.90 -6.68
N LEU A 184 -10.03 11.50 -7.13
CA LEU A 184 -11.26 12.17 -6.69
C LEU A 184 -11.42 12.14 -5.17
N LEU A 185 -11.31 10.96 -4.55
CA LEU A 185 -11.43 10.84 -3.11
C LEU A 185 -10.49 11.82 -2.41
N ASN A 186 -9.28 11.94 -2.94
CA ASN A 186 -8.32 12.88 -2.37
C ASN A 186 -8.92 14.27 -2.43
N GLU A 187 -9.62 14.56 -3.52
CA GLU A 187 -10.27 15.85 -3.72
C GLU A 187 -11.28 16.07 -2.61
N GLY A 188 -12.07 15.03 -2.34
CA GLY A 188 -13.08 15.13 -1.29
C GLY A 188 -12.48 15.48 0.06
N PHE A 189 -11.43 14.75 0.45
CA PHE A 189 -10.75 14.99 1.72
C PHE A 189 -10.20 16.41 1.78
N GLU A 190 -9.74 16.92 0.65
CA GLU A 190 -9.18 18.27 0.59
C GLU A 190 -10.29 19.32 0.62
N SER A 191 -11.44 18.98 0.08
CA SER A 191 -12.58 19.90 0.05
C SER A 191 -13.05 20.11 1.49
N LEU A 192 -13.09 19.03 2.26
CA LEU A 192 -13.52 19.06 3.65
C LEU A 192 -12.39 19.53 4.54
N LYS A 193 -11.20 19.67 3.96
CA LYS A 193 -10.03 20.11 4.71
C LYS A 193 -9.75 19.12 5.82
N LEU A 194 -10.00 17.85 5.51
CA LEU A 194 -9.79 16.75 6.44
C LEU A 194 -8.43 16.08 6.24
N PRO A 195 -7.53 16.20 7.22
CA PRO A 195 -6.19 15.61 7.16
C PRO A 195 -6.21 14.10 6.94
N ILE A 196 -5.34 13.63 6.05
CA ILE A 196 -5.24 12.22 5.73
C ILE A 196 -4.05 11.59 6.46
N LEU A 197 -4.33 10.57 7.26
CA LEU A 197 -3.29 9.87 8.01
C LEU A 197 -2.46 9.04 7.06
N LYS A 198 -3.14 8.38 6.12
CA LYS A 198 -2.49 7.54 5.13
C LYS A 198 -3.39 7.27 3.92
N ALA A 199 -2.82 7.38 2.73
CA ALA A 199 -3.56 7.16 1.51
C ALA A 199 -2.79 6.14 0.68
N SER A 200 -3.48 5.14 0.17
CA SER A 200 -2.82 4.10 -0.63
C SER A 200 -3.79 3.30 -1.48
N LEU A 201 -3.23 2.40 -2.28
CA LEU A 201 -3.99 1.53 -3.13
C LEU A 201 -3.68 0.13 -2.64
N GLN A 202 -4.73 -0.60 -2.24
CA GLN A 202 -4.54 -1.94 -1.73
C GLN A 202 -5.29 -2.98 -2.54
N ARG A 203 -4.80 -4.21 -2.47
CA ARG A 203 -5.42 -5.33 -3.17
C ARG A 203 -6.21 -6.11 -2.12
N ILE A 204 -7.53 -6.17 -2.30
CA ILE A 204 -8.40 -6.87 -1.38
C ILE A 204 -9.04 -8.10 -2.02
N ALA A 205 -8.77 -9.27 -1.47
CA ALA A 205 -9.31 -10.54 -1.99
C ALA A 205 -10.83 -10.51 -2.08
N THR A 206 -11.36 -10.99 -3.19
CA THR A 206 -12.80 -11.03 -3.41
C THR A 206 -13.45 -12.05 -2.47
N THR A 207 -12.80 -13.18 -2.29
CA THR A 207 -13.30 -14.22 -1.43
C THR A 207 -12.30 -14.59 -0.35
N PRO A 208 -12.31 -13.89 0.79
CA PRO A 208 -11.42 -14.13 1.91
C PRO A 208 -11.54 -15.55 2.48
N ILE A 209 -10.45 -16.06 3.03
CA ILE A 209 -10.43 -17.39 3.62
C ILE A 209 -9.91 -17.28 5.05
N GLU A 210 -10.36 -18.18 5.92
CA GLU A 210 -9.91 -18.18 7.31
C GLU A 210 -9.18 -19.47 7.59
N LEU A 211 -7.98 -19.34 8.14
CA LEU A 211 -7.15 -20.50 8.46
C LEU A 211 -7.22 -20.78 9.95
N ASN A 212 -7.12 -22.05 10.32
CA ASN A 212 -7.13 -22.39 11.74
C ASN A 212 -5.76 -21.96 12.28
N ASP A 213 -5.57 -22.05 13.58
CA ASP A 213 -4.30 -21.65 14.19
C ASP A 213 -3.08 -22.36 13.64
N GLU A 214 -3.23 -23.64 13.32
CA GLU A 214 -2.13 -24.43 12.78
C GLU A 214 -1.73 -23.91 11.41
N GLN A 215 -2.72 -23.66 10.56
CA GLN A 215 -2.49 -23.15 9.20
C GLN A 215 -1.88 -21.75 9.23
N MET A 216 -2.44 -20.86 10.04
CA MET A 216 -1.94 -19.50 10.14
C MET A 216 -0.46 -19.52 10.52
N GLU A 217 -0.11 -20.37 11.47
CA GLU A 217 1.27 -20.48 11.94
C GLU A 217 2.20 -20.94 10.81
N LEU A 218 1.76 -21.94 10.06
CA LEU A 218 2.55 -22.48 8.95
C LEU A 218 2.72 -21.46 7.83
N THR A 219 1.69 -20.67 7.60
CA THR A 219 1.71 -19.65 6.55
C THR A 219 2.54 -18.46 6.99
N GLU A 220 2.37 -18.06 8.25
CA GLU A 220 3.08 -16.92 8.82
C GLU A 220 4.59 -16.99 8.57
N LYS A 221 5.13 -18.21 8.56
CA LYS A 221 6.55 -18.43 8.33
C LYS A 221 6.97 -17.77 7.02
N LEU A 222 6.27 -18.13 5.95
CA LEU A 222 6.54 -17.59 4.63
C LEU A 222 6.22 -16.11 4.48
N LEU A 223 5.08 -15.70 5.07
CA LEU A 223 4.67 -14.30 4.99
C LEU A 223 5.62 -13.34 5.70
N ASP A 224 6.30 -13.83 6.73
CA ASP A 224 7.24 -12.98 7.46
C ASP A 224 8.56 -12.80 6.71
N ARG A 225 8.99 -13.84 6.01
CA ARG A 225 10.24 -13.75 5.24
C ARG A 225 10.08 -12.76 4.11
N ILE A 226 8.93 -12.81 3.45
CA ILE A 226 8.62 -11.93 2.33
C ILE A 226 8.58 -10.47 2.81
N GLU A 227 7.67 -10.20 3.74
CA GLU A 227 7.49 -8.87 4.30
C GLU A 227 8.80 -8.26 4.78
N ASP A 228 9.75 -9.11 5.15
CA ASP A 228 11.05 -8.65 5.66
C ASP A 228 12.02 -8.24 4.56
N ASP A 229 11.73 -8.63 3.32
CA ASP A 229 12.58 -8.29 2.19
C ASP A 229 12.55 -6.76 2.01
N ASP A 230 13.71 -6.16 1.76
CA ASP A 230 13.81 -4.71 1.60
C ASP A 230 13.14 -4.17 0.33
N ASP A 231 12.74 -5.05 -0.58
CA ASP A 231 12.11 -4.61 -1.83
C ASP A 231 10.59 -4.70 -1.82
N VAL A 232 10.06 -5.55 -0.95
CA VAL A 232 8.61 -5.73 -0.84
C VAL A 232 7.97 -4.59 -0.05
N VAL A 233 7.34 -3.65 -0.74
CA VAL A 233 6.71 -2.51 -0.08
C VAL A 233 5.25 -2.77 0.28
N ALA A 234 4.68 -3.84 -0.25
CA ALA A 234 3.30 -4.21 0.01
C ALA A 234 3.10 -5.71 -0.16
N LEU A 235 2.30 -6.29 0.73
CA LEU A 235 2.01 -7.71 0.67
C LEU A 235 0.52 -7.93 0.96
N TYR A 236 -0.19 -8.51 0.00
CA TYR A 236 -1.61 -8.77 0.16
C TYR A 236 -1.91 -10.25 0.04
N THR A 237 -2.73 -10.77 0.96
CA THR A 237 -3.10 -12.17 0.92
C THR A 237 -4.62 -12.25 0.95
N ASN A 238 -5.16 -13.43 0.66
CA ASN A 238 -6.59 -13.65 0.66
C ASN A 238 -7.08 -14.12 2.02
N ILE A 239 -6.22 -13.96 3.02
CA ILE A 239 -6.53 -14.38 4.38
C ILE A 239 -7.38 -13.35 5.11
N GLU A 240 -8.33 -13.86 5.90
CA GLU A 240 -9.21 -13.01 6.69
C GLU A 240 -8.67 -12.87 8.12
#